data_3ICU
#
_entry.id   3ICU
#
_cell.length_a   65.795
_cell.length_b   65.795
_cell.length_c   136.524
_cell.angle_alpha   90.00
_cell.angle_beta   90.00
_cell.angle_gamma   90.00
#
_symmetry.space_group_name_H-M   'P 43 21 2'
#
loop_
_entity.id
_entity.type
_entity.pdbx_description
1 polymer 'E3 ubiquitin-protein ligase RNF128'
2 non-polymer 2-acetamido-2-deoxy-beta-D-glucopyranose
3 water water
#
_entity_poly.entity_id   1
_entity_poly.type   'polypeptide(L)'
_entity_poly.pdbx_seq_one_letter_code
;AAPEHHHHHHDYDIPTTENLYFQGAMDGAEAVWTAYLNVSWRVPHTGVNRTVWELSEEGVYGQDSPLEPVAGVLVPPDGP
GALNACNPHTNFTVPTVWGSTVQVSWLALIQRGGGCTFADKIHLAYERGASGAVIFNFPGTRNEVIPMSHPGAVDIVAIM
IGNLKGTKILQSIQRGIQVTMVIEVGKKHGPWVN
;
_entity_poly.pdbx_strand_id   A
#
# COMPACT_ATOMS: atom_id res chain seq x y z
N GLY A 24 22.88 17.40 10.05
CA GLY A 24 21.98 18.55 9.76
C GLY A 24 20.79 18.18 8.89
N ALA A 25 21.06 17.74 7.67
CA ALA A 25 20.01 17.37 6.70
C ALA A 25 20.52 16.37 5.66
N MET A 26 20.16 15.09 5.83
CA MET A 26 20.71 13.99 5.02
C MET A 26 19.74 13.46 3.96
N ASP A 27 19.18 14.41 3.21
CA ASP A 27 18.17 14.18 2.17
C ASP A 27 18.88 14.16 0.81
N GLY A 28 18.36 13.37 -0.13
CA GLY A 28 18.99 13.22 -1.44
C GLY A 28 20.30 12.42 -1.45
N ALA A 29 20.38 11.39 -0.59
CA ALA A 29 21.55 10.51 -0.56
C ALA A 29 21.49 9.53 -1.73
N GLU A 30 20.26 9.15 -2.08
CA GLU A 30 19.97 8.19 -3.14
C GLU A 30 18.66 8.64 -3.78
N ALA A 31 18.45 8.35 -5.06
CA ALA A 31 17.16 8.71 -5.71
C ALA A 31 16.00 8.10 -4.92
N VAL A 32 14.97 8.91 -4.69
CA VAL A 32 13.68 8.43 -4.15
C VAL A 32 12.60 8.69 -5.21
N TRP A 33 11.84 7.66 -5.58
CA TRP A 33 10.83 7.77 -6.63
C TRP A 33 9.46 7.87 -6.01
N THR A 34 8.72 8.90 -6.38
CA THR A 34 7.32 9.01 -5.95
C THR A 34 6.47 8.04 -6.75
N ALA A 35 5.23 7.84 -6.31
CA ALA A 35 4.27 7.02 -7.02
C ALA A 35 3.07 7.88 -7.39
N TYR A 36 2.49 7.63 -8.55
CA TYR A 36 1.18 8.15 -8.87
C TYR A 36 0.16 7.11 -8.47
N LEU A 37 -0.83 7.53 -7.68
CA LEU A 37 -1.88 6.68 -7.21
C LEU A 37 -3.19 7.08 -7.82
N ASN A 38 -3.87 6.09 -8.38
CA ASN A 38 -5.24 6.28 -8.82
C ASN A 38 -6.12 5.36 -7.98
N VAL A 39 -6.81 5.95 -7.01
CA VAL A 39 -7.56 5.21 -6.01
C VAL A 39 -9.06 5.34 -6.32
N SER A 40 -9.77 4.21 -6.34
CA SER A 40 -11.20 4.20 -6.68
C SER A 40 -12.02 3.47 -5.61
N TRP A 41 -13.12 4.10 -5.18
CA TRP A 41 -14.04 3.55 -4.17
C TRP A 41 -15.29 3.07 -4.90
N ARG A 42 -15.75 1.86 -4.58
CA ARG A 42 -17.02 1.34 -5.12
C ARG A 42 -18.16 1.79 -4.21
N VAL A 43 -18.72 2.95 -4.52
CA VAL A 43 -19.80 3.55 -3.76
C VAL A 43 -21.16 2.86 -4.05
N PRO A 44 -21.84 2.38 -3.00
CA PRO A 44 -23.17 1.78 -3.14
C PRO A 44 -24.32 2.81 -3.17
N HIS A 45 -25.41 2.42 -3.83
CA HIS A 45 -26.73 3.06 -3.65
C HIS A 45 -26.92 4.43 -4.30
N THR A 46 -26.05 4.84 -5.21
CA THR A 46 -26.21 6.14 -5.87
C THR A 46 -26.34 6.01 -7.39
N GLY A 47 -26.59 4.79 -7.87
CA GLY A 47 -26.58 4.50 -9.30
C GLY A 47 -25.55 3.43 -9.64
N VAL A 48 -25.89 2.63 -10.65
CA VAL A 48 -25.17 1.39 -11.01
C VAL A 48 -23.64 1.47 -11.16
N ASN A 49 -23.12 2.51 -11.79
CA ASN A 49 -21.66 2.57 -12.03
C ASN A 49 -20.81 3.47 -11.12
N ARG A 50 -21.45 4.19 -10.19
CA ARG A 50 -20.78 5.29 -9.48
C ARG A 50 -19.52 4.92 -8.71
N THR A 51 -18.42 5.59 -9.04
CA THR A 51 -17.18 5.47 -8.29
C THR A 51 -16.61 6.84 -8.00
N VAL A 52 -16.27 7.09 -6.74
CA VAL A 52 -15.38 8.20 -6.44
C VAL A 52 -13.96 7.72 -6.65
N TRP A 53 -13.13 8.59 -7.23
CA TRP A 53 -11.73 8.28 -7.45
C TRP A 53 -10.87 9.52 -7.25
N GLU A 54 -9.68 9.31 -6.70
CA GLU A 54 -8.70 10.36 -6.50
C GLU A 54 -7.42 9.95 -7.20
N LEU A 55 -6.95 10.81 -8.11
CA LEU A 55 -5.66 10.60 -8.73
C LEU A 55 -4.70 11.57 -8.07
N SER A 56 -3.54 11.08 -7.66
CA SER A 56 -2.58 11.92 -6.98
C SER A 56 -1.15 11.40 -7.10
N GLU A 57 -0.20 12.28 -6.82
CA GLU A 57 1.18 11.89 -6.68
C GLU A 57 1.44 11.98 -5.20
N GLU A 58 1.27 10.85 -4.51
CA GLU A 58 1.62 10.79 -3.10
C GLU A 58 2.20 9.39 -2.89
N GLY A 59 2.87 9.17 -1.81
CA GLY A 59 3.50 7.85 -1.72
C GLY A 59 4.83 7.82 -2.46
N VAL A 60 5.69 6.96 -1.97
CA VAL A 60 7.01 6.77 -2.56
C VAL A 60 7.24 5.27 -2.64
N TYR A 61 7.88 4.84 -3.72
CA TYR A 61 8.27 3.45 -3.85
C TYR A 61 9.35 3.20 -2.82
N GLY A 62 9.32 2.05 -2.15
CA GLY A 62 10.46 1.62 -1.33
C GLY A 62 11.73 1.62 -2.17
N GLN A 63 12.88 1.79 -1.50
CA GLN A 63 14.19 1.84 -2.16
C GLN A 63 14.53 0.55 -2.85
N ASP A 64 13.96 -0.56 -2.36
CA ASP A 64 14.23 -1.90 -2.91
C ASP A 64 13.03 -2.51 -3.66
N SER A 65 12.04 -1.66 -3.94
CA SER A 65 10.88 -2.08 -4.72
C SER A 65 11.21 -2.19 -6.21
N PRO A 66 10.66 -3.21 -6.89
CA PRO A 66 10.55 -3.08 -8.35
C PRO A 66 9.94 -1.72 -8.71
N LEU A 67 10.50 -1.05 -9.71
CA LEU A 67 9.96 0.21 -10.19
C LEU A 67 9.08 -0.03 -11.39
N GLU A 68 7.83 -0.35 -11.11
CA GLU A 68 6.92 -0.77 -12.15
C GLU A 68 5.50 -0.55 -11.69
N PRO A 69 4.55 -0.55 -12.62
CA PRO A 69 3.18 -0.35 -12.16
C PRO A 69 2.58 -1.63 -11.56
N VAL A 70 1.57 -1.47 -10.70
CA VAL A 70 0.78 -2.61 -10.24
C VAL A 70 -0.62 -2.10 -9.90
N ALA A 71 -1.62 -2.98 -9.95
CA ALA A 71 -2.99 -2.59 -9.59
C ALA A 71 -3.67 -3.73 -8.84
N GLY A 72 -4.55 -3.37 -7.91
CA GLY A 72 -5.42 -4.37 -7.28
C GLY A 72 -6.36 -3.83 -6.22
N VAL A 73 -7.21 -4.71 -5.72
CA VAL A 73 -8.09 -4.42 -4.60
C VAL A 73 -7.22 -4.36 -3.33
N LEU A 74 -7.46 -3.34 -2.51
CA LEU A 74 -6.77 -3.18 -1.23
C LEU A 74 -7.36 -4.06 -0.14
N VAL A 75 -6.48 -4.78 0.56
CA VAL A 75 -6.86 -5.73 1.60
C VAL A 75 -6.00 -5.57 2.86
N PRO A 76 -6.61 -5.14 3.97
CA PRO A 76 -5.88 -5.03 5.23
C PRO A 76 -5.80 -6.39 5.92
N PRO A 77 -4.93 -6.53 6.96
CA PRO A 77 -4.94 -7.78 7.73
C PRO A 77 -6.24 -7.94 8.53
N ASP A 78 -6.61 -9.20 8.77
CA ASP A 78 -7.82 -9.49 9.53
C ASP A 78 -7.62 -9.26 11.01
N GLY A 79 -8.61 -8.68 11.66
CA GLY A 79 -8.76 -8.82 13.12
C GLY A 79 -8.20 -7.70 13.98
N PRO A 80 -8.73 -7.57 15.20
CA PRO A 80 -8.20 -6.54 16.10
C PRO A 80 -6.98 -7.09 16.87
N GLY A 81 -5.86 -6.40 16.85
CA GLY A 81 -5.59 -5.30 15.96
C GLY A 81 -4.30 -5.78 15.33
N ALA A 82 -4.43 -6.41 14.16
CA ALA A 82 -3.31 -7.01 13.45
C ALA A 82 -2.80 -6.09 12.35
N LEU A 83 -3.14 -4.80 12.43
CA LEU A 83 -2.93 -3.88 11.32
C LEU A 83 -1.47 -3.76 10.90
N ASN A 84 -0.57 -4.09 11.84
CA ASN A 84 0.88 -4.02 11.66
C ASN A 84 1.45 -5.21 10.89
N ALA A 85 0.68 -6.29 10.76
CA ALA A 85 1.13 -7.55 10.15
C ALA A 85 2.47 -8.09 10.67
N CYS A 86 2.75 -7.89 11.95
CA CYS A 86 3.99 -8.37 12.55
C CYS A 86 4.02 -9.89 12.68
N ASN A 87 2.89 -10.45 13.11
CA ASN A 87 2.73 -11.89 13.24
C ASN A 87 2.88 -12.55 11.88
N PRO A 88 3.87 -13.45 11.73
CA PRO A 88 4.05 -14.10 10.42
C PRO A 88 2.88 -15.02 9.99
N HIS A 89 1.94 -15.33 10.89
CA HIS A 89 0.70 -16.03 10.49
C HIS A 89 -0.50 -15.09 10.30
N THR A 90 -0.23 -13.80 10.13
CA THR A 90 -1.26 -12.78 9.85
C THR A 90 -2.09 -13.22 8.63
N ASN A 91 -3.42 -13.11 8.75
CA ASN A 91 -4.29 -13.48 7.62
C ASN A 91 -4.94 -12.28 6.95
N PHE A 92 -5.23 -12.47 5.66
CA PHE A 92 -5.96 -11.53 4.84
C PHE A 92 -7.17 -12.23 4.20
N THR A 93 -8.29 -11.52 4.11
CA THR A 93 -9.48 -12.07 3.43
C THR A 93 -9.53 -11.50 2.03
N VAL A 94 -9.15 -12.31 1.06
CA VAL A 94 -8.93 -11.84 -0.30
C VAL A 94 -10.07 -12.24 -1.25
N PRO A 95 -10.62 -11.28 -2.00
CA PRO A 95 -11.69 -11.67 -2.93
C PRO A 95 -11.18 -12.63 -3.99
N THR A 96 -12.08 -13.44 -4.50
CA THR A 96 -11.74 -14.43 -5.51
C THR A 96 -12.45 -14.12 -6.83
N VAL A 97 -11.99 -14.78 -7.89
CA VAL A 97 -12.59 -14.71 -9.22
C VAL A 97 -13.92 -15.45 -9.13
N TRP A 98 -14.95 -14.93 -9.81
N TRP A 98 -14.94 -14.91 -9.81
CA TRP A 98 -16.25 -15.56 -9.84
CA TRP A 98 -16.26 -15.53 -9.91
C TRP A 98 -16.18 -17.04 -10.23
C TRP A 98 -16.15 -17.04 -10.23
N GLY A 99 -16.66 -17.90 -9.35
CA GLY A 99 -16.75 -19.34 -9.61
C GLY A 99 -15.53 -20.18 -9.29
N SER A 100 -14.46 -19.54 -8.81
CA SER A 100 -13.26 -20.27 -8.42
C SER A 100 -12.67 -19.79 -7.08
N THR A 101 -11.48 -20.30 -6.79
CA THR A 101 -10.75 -20.04 -5.56
C THR A 101 -9.55 -19.13 -5.87
N VAL A 102 -9.34 -18.86 -7.16
CA VAL A 102 -8.23 -17.99 -7.61
C VAL A 102 -8.46 -16.57 -7.10
N GLN A 103 -7.43 -15.99 -6.48
CA GLN A 103 -7.47 -14.62 -5.96
C GLN A 103 -7.49 -13.59 -7.08
N VAL A 104 -8.26 -12.54 -6.89
CA VAL A 104 -8.15 -11.36 -7.74
C VAL A 104 -6.79 -10.76 -7.43
N SER A 105 -6.32 -9.87 -8.31
CA SER A 105 -5.11 -9.12 -8.04
C SER A 105 -5.35 -8.24 -6.83
N TRP A 106 -4.43 -8.29 -5.86
CA TRP A 106 -4.63 -7.51 -4.64
C TRP A 106 -3.37 -6.90 -4.04
N LEU A 107 -3.57 -5.89 -3.22
CA LEU A 107 -2.49 -5.15 -2.58
C LEU A 107 -2.74 -5.20 -1.08
N ALA A 108 -1.70 -5.58 -0.32
CA ALA A 108 -1.84 -5.63 1.13
C ALA A 108 -1.72 -4.22 1.68
N LEU A 109 -2.69 -3.82 2.51
CA LEU A 109 -2.67 -2.51 3.14
C LEU A 109 -2.24 -2.72 4.59
N ILE A 110 -1.05 -2.25 4.95
CA ILE A 110 -0.42 -2.59 6.23
C ILE A 110 0.10 -1.35 6.96
N GLN A 111 -0.19 -1.21 8.24
CA GLN A 111 0.32 -0.05 8.98
C GLN A 111 1.78 -0.22 9.36
N ARG A 112 2.54 0.86 9.26
CA ARG A 112 3.91 0.90 9.76
C ARG A 112 3.94 0.72 11.28
N GLY A 113 4.99 0.10 11.81
CA GLY A 113 5.16 0.02 13.26
C GLY A 113 4.86 -1.35 13.81
N GLY A 114 4.69 -1.42 15.13
CA GLY A 114 4.34 -2.66 15.82
C GLY A 114 5.55 -3.51 16.17
N GLY A 115 6.74 -3.01 15.88
CA GLY A 115 7.96 -3.69 16.28
C GLY A 115 8.57 -4.57 15.22
N CYS A 116 8.02 -4.53 14.00
CA CYS A 116 8.60 -5.24 12.86
C CYS A 116 8.99 -4.31 11.70
N THR A 117 9.83 -4.79 10.80
CA THR A 117 10.44 -3.98 9.74
C THR A 117 9.53 -3.82 8.52
N PHE A 118 9.92 -2.94 7.58
CA PHE A 118 9.21 -2.84 6.30
C PHE A 118 9.36 -4.16 5.53
N ALA A 119 10.57 -4.72 5.54
CA ALA A 119 10.84 -5.99 4.88
C ALA A 119 9.94 -7.10 5.41
N ASP A 120 9.73 -7.16 6.73
CA ASP A 120 8.83 -8.18 7.33
C ASP A 120 7.41 -8.10 6.74
N LYS A 121 6.88 -6.88 6.68
CA LYS A 121 5.52 -6.61 6.18
C LYS A 121 5.41 -6.93 4.69
N ILE A 122 6.38 -6.44 3.92
CA ILE A 122 6.42 -6.63 2.48
C ILE A 122 6.63 -8.10 2.10
N HIS A 123 7.50 -8.79 2.83
CA HIS A 123 7.69 -10.22 2.62
C HIS A 123 6.41 -11.01 2.91
N LEU A 124 5.73 -10.71 4.01
CA LEU A 124 4.46 -11.40 4.33
C LEU A 124 3.43 -11.20 3.20
N ALA A 125 3.33 -9.97 2.70
CA ALA A 125 2.39 -9.65 1.63
C ALA A 125 2.63 -10.56 0.43
N TYR A 126 3.90 -10.69 0.04
CA TYR A 126 4.29 -11.51 -1.09
C TYR A 126 3.90 -12.98 -0.84
N GLU A 127 4.21 -13.50 0.35
CA GLU A 127 3.92 -14.90 0.69
C GLU A 127 2.44 -15.22 0.69
N ARG A 128 1.61 -14.20 0.89
CA ARG A 128 0.16 -14.35 0.86
C ARG A 128 -0.44 -14.21 -0.53
N GLY A 129 0.40 -13.90 -1.51
CA GLY A 129 -0.08 -13.80 -2.89
C GLY A 129 -0.39 -12.39 -3.36
N ALA A 130 -0.13 -11.38 -2.52
CA ALA A 130 -0.40 -9.98 -2.93
C ALA A 130 0.50 -9.57 -4.08
N SER A 131 -0.01 -8.72 -4.96
CA SER A 131 0.81 -8.21 -6.08
C SER A 131 1.61 -6.98 -5.70
N GLY A 132 1.27 -6.39 -4.56
CA GLY A 132 2.03 -5.24 -4.04
C GLY A 132 1.71 -5.04 -2.58
N ALA A 133 2.52 -4.25 -1.90
CA ALA A 133 2.34 -3.92 -0.49
C ALA A 133 2.24 -2.40 -0.35
N VAL A 134 1.19 -1.95 0.31
CA VAL A 134 1.00 -0.51 0.51
C VAL A 134 1.12 -0.29 2.02
N ILE A 135 2.27 0.23 2.46
CA ILE A 135 2.49 0.50 3.87
C ILE A 135 1.98 1.90 4.14
N PHE A 136 1.18 2.09 5.18
CA PHE A 136 0.81 3.45 5.54
C PHE A 136 1.46 3.90 6.85
N ASN A 137 1.86 5.18 6.91
CA ASN A 137 2.59 5.71 8.06
C ASN A 137 1.70 5.69 9.31
N PHE A 138 2.31 5.72 10.49
CA PHE A 138 1.52 5.54 11.71
C PHE A 138 0.84 6.83 12.18
N PRO A 139 -0.08 6.73 13.18
CA PRO A 139 -0.81 7.89 13.71
C PRO A 139 0.06 9.05 14.11
N GLY A 140 -0.43 10.26 13.86
CA GLY A 140 0.28 11.48 14.23
C GLY A 140 1.29 12.00 13.22
N THR A 141 1.54 11.23 12.17
CA THR A 141 2.47 11.68 11.11
C THR A 141 1.74 12.40 9.97
N ARG A 142 0.40 12.40 10.02
CA ARG A 142 -0.44 13.15 9.07
C ARG A 142 -0.30 12.62 7.63
N ASN A 143 0.41 13.38 6.79
CA ASN A 143 0.60 13.02 5.39
C ASN A 143 2.06 12.72 5.03
N GLU A 144 2.91 12.67 6.05
N GLU A 144 2.92 12.67 6.04
CA GLU A 144 4.34 12.39 5.90
CA GLU A 144 4.34 12.44 5.82
C GLU A 144 4.57 10.99 5.38
C GLU A 144 4.61 11.00 5.43
N VAL A 145 5.48 10.87 4.43
CA VAL A 145 5.92 9.59 3.93
C VAL A 145 7.44 9.61 3.99
N ILE A 146 8.05 8.45 4.24
CA ILE A 146 9.51 8.35 4.25
C ILE A 146 9.96 7.22 3.33
N PRO A 147 11.25 7.25 2.91
CA PRO A 147 11.75 6.16 2.08
C PRO A 147 11.87 4.87 2.91
N MET A 148 11.63 3.74 2.28
CA MET A 148 11.73 2.45 2.96
C MET A 148 12.94 1.69 2.46
N SER A 149 13.71 1.16 3.40
CA SER A 149 14.79 0.25 3.04
C SER A 149 14.35 -1.19 3.33
N HIS A 150 14.45 -2.08 2.33
CA HIS A 150 13.97 -3.45 2.48
C HIS A 150 14.67 -4.40 1.50
N PRO A 151 16.01 -4.46 1.52
CA PRO A 151 16.74 -5.26 0.52
C PRO A 151 16.49 -6.77 0.63
N GLY A 152 15.95 -7.22 1.75
CA GLY A 152 15.56 -8.64 1.90
C GLY A 152 14.16 -8.95 1.39
N ALA A 153 13.46 -7.98 0.78
CA ALA A 153 12.10 -8.25 0.30
C ALA A 153 11.80 -7.48 -0.98
N VAL A 154 12.13 -8.10 -2.11
CA VAL A 154 12.16 -7.38 -3.38
C VAL A 154 11.23 -7.93 -4.46
N ASP A 155 10.42 -8.94 -4.12
CA ASP A 155 9.58 -9.66 -5.10
C ASP A 155 8.41 -8.89 -5.67
N ILE A 156 7.84 -7.95 -4.90
CA ILE A 156 6.65 -7.23 -5.33
C ILE A 156 6.85 -5.73 -5.11
N VAL A 157 6.08 -4.92 -5.83
CA VAL A 157 6.02 -3.47 -5.63
C VAL A 157 5.65 -3.15 -4.19
N ALA A 158 6.38 -2.21 -3.61
CA ALA A 158 6.12 -1.77 -2.26
C ALA A 158 6.21 -0.25 -2.24
N ILE A 159 5.17 0.38 -1.70
CA ILE A 159 5.16 1.84 -1.55
C ILE A 159 4.79 2.21 -0.11
N MET A 160 5.14 3.43 0.27
CA MET A 160 4.56 4.00 1.49
C MET A 160 3.63 5.13 1.15
N ILE A 161 2.51 5.20 1.86
CA ILE A 161 1.57 6.34 1.78
C ILE A 161 1.40 6.92 3.18
N GLY A 162 0.79 8.11 3.27
CA GLY A 162 0.64 8.77 4.54
C GLY A 162 -0.42 8.13 5.44
N ASN A 163 -0.32 8.43 6.73
CA ASN A 163 -1.29 7.95 7.68
C ASN A 163 -2.74 8.32 7.35
N LEU A 164 -2.97 9.59 7.01
CA LEU A 164 -4.33 10.07 6.75
C LEU A 164 -4.99 9.38 5.55
N LYS A 165 -4.24 9.22 4.46
CA LYS A 165 -4.77 8.52 3.29
C LYS A 165 -4.98 7.04 3.61
N GLY A 166 -4.04 6.42 4.32
CA GLY A 166 -4.18 5.00 4.66
C GLY A 166 -5.36 4.71 5.56
N THR A 167 -5.56 5.58 6.56
N THR A 167 -5.58 5.56 6.58
CA THR A 167 -6.66 5.49 7.52
CA THR A 167 -6.72 5.36 7.49
C THR A 167 -8.01 5.65 6.82
C THR A 167 -8.06 5.64 6.83
N LYS A 168 -8.10 6.65 5.95
CA LYS A 168 -9.30 6.91 5.15
C LYS A 168 -9.67 5.65 4.35
N ILE A 169 -8.66 5.06 3.70
CA ILE A 169 -8.87 3.85 2.92
C ILE A 169 -9.28 2.67 3.81
N LEU A 170 -8.53 2.45 4.89
CA LEU A 170 -8.83 1.35 5.80
C LEU A 170 -10.26 1.45 6.33
N GLN A 171 -10.68 2.63 6.76
CA GLN A 171 -12.03 2.80 7.29
C GLN A 171 -13.11 2.52 6.26
N SER A 172 -12.90 2.97 5.01
CA SER A 172 -13.83 2.66 3.91
C SER A 172 -14.00 1.15 3.74
N ILE A 173 -12.87 0.44 3.69
CA ILE A 173 -12.86 -1.03 3.58
C ILE A 173 -13.59 -1.68 4.75
N GLN A 174 -13.27 -1.25 5.97
CA GLN A 174 -13.95 -1.78 7.15
C GLN A 174 -15.45 -1.51 7.11
N ARG A 175 -15.85 -0.45 6.40
CA ARG A 175 -17.27 -0.13 6.26
C ARG A 175 -17.90 -0.79 5.03
N GLY A 176 -17.16 -1.71 4.42
CA GLY A 176 -17.72 -2.56 3.35
C GLY A 176 -17.59 -1.96 1.95
N ILE A 177 -16.77 -0.92 1.80
CA ILE A 177 -16.52 -0.31 0.48
C ILE A 177 -15.23 -0.91 -0.11
N GLN A 178 -15.33 -1.49 -1.29
CA GLN A 178 -14.17 -1.99 -1.99
C GLN A 178 -13.35 -0.84 -2.53
N VAL A 179 -12.06 -0.82 -2.23
CA VAL A 179 -11.19 0.22 -2.70
C VAL A 179 -10.09 -0.41 -3.58
N THR A 180 -9.97 0.10 -4.79
CA THR A 180 -8.99 -0.39 -5.77
C THR A 180 -7.91 0.67 -5.98
N MET A 181 -6.67 0.24 -6.14
CA MET A 181 -5.59 1.18 -6.36
C MET A 181 -4.73 0.76 -7.54
N VAL A 182 -4.44 1.70 -8.41
CA VAL A 182 -3.47 1.54 -9.49
C VAL A 182 -2.29 2.38 -9.07
N ILE A 183 -1.11 1.75 -9.03
CA ILE A 183 0.13 2.44 -8.67
C ILE A 183 1.01 2.53 -9.92
N GLU A 184 1.56 3.71 -10.17
CA GLU A 184 2.45 3.92 -11.31
C GLU A 184 3.69 4.66 -10.90
N VAL A 185 4.77 4.46 -11.65
CA VAL A 185 6.05 5.08 -11.35
C VAL A 185 5.90 6.59 -11.50
N GLY A 186 6.37 7.34 -10.50
CA GLY A 186 6.19 8.80 -10.47
C GLY A 186 7.46 9.51 -10.88
N LYS A 187 7.99 10.35 -10.00
CA LYS A 187 9.11 11.22 -10.33
C LYS A 187 10.30 10.94 -9.44
N LYS A 188 11.49 11.13 -10.00
CA LYS A 188 12.75 10.91 -9.30
C LYS A 188 13.16 12.15 -8.51
N HIS A 189 13.49 11.97 -7.24
CA HIS A 189 14.05 13.05 -6.43
C HIS A 189 15.45 12.69 -5.99
N GLY A 190 16.42 13.56 -6.31
CA GLY A 190 17.81 13.33 -5.94
C GLY A 190 18.45 12.32 -6.87
N PRO A 191 19.69 11.87 -6.58
CA PRO A 191 20.59 12.26 -5.48
C PRO A 191 21.32 13.56 -5.83
N TRP A 192 22.09 14.12 -4.90
CA TRP A 192 22.81 15.37 -5.16
C TRP A 192 24.08 15.06 -5.94
N VAL A 193 24.13 15.52 -7.19
CA VAL A 193 25.33 15.37 -8.02
C VAL A 193 26.18 16.63 -8.11
N ASN A 194 25.63 17.78 -7.68
CA ASN A 194 26.38 19.03 -7.63
C ASN A 194 25.91 19.93 -6.49
#